data_2OMD
#
_entry.id   2OMD
#
_cell.length_a   119.995
_cell.length_b   119.995
_cell.length_c   125.804
_cell.angle_alpha   90.00
_cell.angle_beta   90.00
_cell.angle_gamma   120.00
#
_symmetry.space_group_name_H-M   'P 61 2 2'
#
loop_
_entity.id
_entity.type
_entity.pdbx_description
1 polymer 'Molybdopterin-converting factor subunit 2'
2 non-polymer 'SODIUM ION'
3 non-polymer 'CHLORIDE ION'
4 non-polymer 2-AMINO-2-HYDROXYMETHYL-PROPANE-1,3-DIOL
5 non-polymer 'FORMIC ACID'
6 non-polymer GLYCEROL
7 water water
#
_entity_poly.entity_id   1
_entity_poly.type   'polypeptide(L)'
_entity_poly.pdbx_seq_one_letter_code
;MEVGMIPRVYLGHEWFGAERILSEYQVPEDCGAQVLFLGIPRNAPEDGGNIEALEYEAYPEMAIKEMEKIRQETIEKFGV
KEVFIHHRLGLVKIGEPSFLVLAVGGHREETFKACRYAVDETKKRVPIWKKEIFKEGKGEWVLGEKKNASGQTK
;
_entity_poly.pdbx_strand_id   A,B
#
loop_
_chem_comp.id
_chem_comp.type
_chem_comp.name
_chem_comp.formula
CL non-polymer 'CHLORIDE ION' 'Cl -1'
FMT non-polymer 'FORMIC ACID' 'C H2 O2'
GOL non-polymer GLYCEROL 'C3 H8 O3'
NA non-polymer 'SODIUM ION' 'Na 1'
TRS non-polymer 2-AMINO-2-HYDROXYMETHYL-PROPANE-1,3-DIOL 'C4 H12 N O3 1'
#
# COMPACT_ATOMS: atom_id res chain seq x y z
N MET A 1 -11.99 -3.61 -17.81
CA MET A 1 -11.15 -3.55 -19.04
C MET A 1 -10.34 -4.83 -19.22
N GLU A 2 -10.34 -5.37 -20.42
CA GLU A 2 -9.59 -6.58 -20.73
C GLU A 2 -8.28 -6.17 -21.39
N VAL A 3 -7.17 -6.55 -20.77
CA VAL A 3 -5.85 -6.22 -21.30
C VAL A 3 -4.86 -7.36 -21.12
N GLY A 4 -3.81 -7.36 -21.93
CA GLY A 4 -2.80 -8.40 -21.82
C GLY A 4 -1.97 -8.21 -20.56
N MET A 5 -1.74 -6.94 -20.19
CA MET A 5 -0.98 -6.58 -18.99
C MET A 5 -1.59 -5.29 -18.47
N ILE A 6 -1.64 -5.13 -17.15
CA ILE A 6 -2.20 -3.92 -16.59
C ILE A 6 -1.20 -2.79 -16.84
N PRO A 7 -1.64 -1.71 -17.48
CA PRO A 7 -0.74 -0.58 -17.76
C PRO A 7 -0.19 0.02 -16.47
N ARG A 8 1.07 0.45 -16.50
CA ARG A 8 1.68 1.07 -15.34
C ARG A 8 1.16 2.51 -15.18
N VAL A 9 0.86 3.16 -16.30
CA VAL A 9 0.30 4.50 -16.26
C VAL A 9 -1.04 4.43 -16.96
N TYR A 10 -2.09 4.87 -16.28
CA TYR A 10 -3.44 4.85 -16.86
C TYR A 10 -4.23 6.12 -16.55
N LEU A 11 -4.93 6.62 -17.56
CA LEU A 11 -5.76 7.80 -17.42
C LEU A 11 -6.97 7.56 -18.33
N GLY A 12 -8.13 7.35 -17.71
CA GLY A 12 -9.31 7.09 -18.50
C GLY A 12 -10.58 7.07 -17.68
N HIS A 13 -11.70 6.85 -18.35
CA HIS A 13 -12.98 6.81 -17.69
C HIS A 13 -13.31 5.46 -17.06
N GLU A 14 -12.42 4.49 -17.26
CA GLU A 14 -12.61 3.17 -16.67
C GLU A 14 -11.68 3.05 -15.47
N TRP A 15 -11.45 1.84 -14.99
CA TRP A 15 -10.60 1.68 -13.81
C TRP A 15 -10.16 0.23 -13.65
N PHE A 16 -8.93 0.04 -13.18
CA PHE A 16 -8.41 -1.29 -12.92
C PHE A 16 -8.60 -1.50 -11.43
N GLY A 17 -8.07 -0.58 -10.63
CA GLY A 17 -8.23 -0.65 -9.18
C GLY A 17 -7.15 -1.38 -8.40
N ALA A 18 -7.04 -1.05 -7.12
CA ALA A 18 -6.04 -1.65 -6.24
C ALA A 18 -6.18 -3.16 -6.10
N GLU A 19 -7.41 -3.65 -5.99
CA GLU A 19 -7.61 -5.08 -5.84
C GLU A 19 -7.05 -5.86 -7.01
N ARG A 20 -7.39 -5.43 -8.22
CA ARG A 20 -6.91 -6.12 -9.40
C ARG A 20 -5.41 -6.00 -9.59
N ILE A 21 -4.86 -4.81 -9.33
CA ILE A 21 -3.43 -4.60 -9.48
C ILE A 21 -2.65 -5.46 -8.48
N LEU A 22 -3.05 -5.41 -7.22
CA LEU A 22 -2.35 -6.18 -6.18
C LEU A 22 -2.47 -7.68 -6.41
N SER A 23 -3.62 -8.10 -6.93
CA SER A 23 -3.86 -9.51 -7.21
C SER A 23 -3.07 -10.00 -8.42
N GLU A 24 -3.04 -9.20 -9.48
CA GLU A 24 -2.36 -9.59 -10.71
C GLU A 24 -0.86 -9.34 -10.79
N TYR A 25 -0.40 -8.27 -10.16
CA TYR A 25 1.03 -7.95 -10.21
C TYR A 25 1.84 -8.97 -9.40
N GLN A 26 2.86 -9.54 -10.03
CA GLN A 26 3.71 -10.51 -9.37
C GLN A 26 4.92 -9.79 -8.77
N VAL A 27 5.05 -9.85 -7.44
CA VAL A 27 6.17 -9.19 -6.77
C VAL A 27 7.47 -9.92 -7.10
N PRO A 28 8.47 -9.19 -7.59
CA PRO A 28 9.77 -9.78 -7.93
C PRO A 28 10.49 -10.29 -6.68
N GLU A 29 11.28 -11.36 -6.82
CA GLU A 29 11.98 -11.93 -5.68
C GLU A 29 12.90 -10.95 -4.93
N ASP A 30 13.31 -9.87 -5.58
CA ASP A 30 14.19 -8.92 -4.91
C ASP A 30 13.43 -7.79 -4.22
N CYS A 31 12.10 -7.86 -4.27
CA CYS A 31 11.28 -6.82 -3.64
C CYS A 31 10.59 -7.31 -2.37
N GLY A 32 10.69 -6.51 -1.32
CA GLY A 32 10.07 -6.90 -0.07
C GLY A 32 9.12 -5.83 0.45
N ALA A 33 8.83 -4.83 -0.38
CA ALA A 33 7.94 -3.75 0.04
C ALA A 33 7.07 -3.20 -1.07
N GLN A 34 5.83 -2.90 -0.72
CA GLN A 34 4.85 -2.28 -1.61
C GLN A 34 4.17 -1.20 -0.80
N VAL A 35 4.05 -0.01 -1.38
CA VAL A 35 3.38 1.09 -0.69
C VAL A 35 2.37 1.63 -1.66
N LEU A 36 1.11 1.56 -1.28
CA LEU A 36 0.01 2.01 -2.12
C LEU A 36 -0.68 3.24 -1.55
N PHE A 37 -0.95 4.21 -2.40
CA PHE A 37 -1.67 5.40 -1.98
C PHE A 37 -2.94 5.45 -2.78
N LEU A 38 -4.06 5.73 -2.12
CA LEU A 38 -5.33 5.85 -2.81
C LEU A 38 -5.88 7.22 -2.46
N GLY A 39 -6.12 8.04 -3.48
CA GLY A 39 -6.68 9.37 -3.27
C GLY A 39 -8.17 9.22 -3.48
N ILE A 40 -8.95 9.65 -2.49
CA ILE A 40 -10.40 9.49 -2.53
C ILE A 40 -11.19 10.79 -2.34
N PRO A 41 -12.17 11.05 -3.22
CA PRO A 41 -12.99 12.26 -3.10
C PRO A 41 -13.68 12.31 -1.73
N ARG A 42 -13.56 13.45 -1.05
CA ARG A 42 -14.15 13.64 0.27
C ARG A 42 -15.39 14.53 0.27
N ASN A 43 -16.21 14.39 1.29
CA ASN A 43 -17.40 15.22 1.47
C ASN A 43 -17.31 15.64 2.93
N ALA A 44 -16.22 16.34 3.25
CA ALA A 44 -15.96 16.82 4.60
C ALA A 44 -16.85 17.99 5.00
N PRO A 45 -17.16 18.12 6.29
CA PRO A 45 -18.00 19.17 6.86
C PRO A 45 -17.58 20.58 6.44
N GLU A 46 -16.27 20.75 6.26
CA GLU A 46 -15.71 22.04 5.88
C GLU A 46 -16.13 22.52 4.50
N ASP A 47 -16.59 21.60 3.65
CA ASP A 47 -17.01 21.96 2.30
C ASP A 47 -18.53 22.00 2.14
N GLY A 48 -19.24 21.94 3.25
CA GLY A 48 -20.69 21.98 3.20
C GLY A 48 -21.35 20.64 3.41
N GLY A 49 -20.59 19.57 3.16
CA GLY A 49 -21.12 18.23 3.34
C GLY A 49 -22.26 17.92 2.40
N ASN A 50 -22.33 18.64 1.28
CA ASN A 50 -23.39 18.41 0.32
C ASN A 50 -22.83 17.89 -1.01
N ILE A 51 -21.57 17.45 -0.98
CA ILE A 51 -20.94 16.91 -2.18
C ILE A 51 -21.27 15.45 -2.38
N GLU A 52 -21.83 15.12 -3.55
CA GLU A 52 -22.20 13.76 -3.87
C GLU A 52 -21.14 13.07 -4.74
N ALA A 53 -20.40 13.86 -5.49
CA ALA A 53 -19.38 13.30 -6.36
C ALA A 53 -18.51 14.38 -6.97
N LEU A 54 -17.41 13.96 -7.59
CA LEU A 54 -16.50 14.87 -8.26
C LEU A 54 -16.44 14.43 -9.71
N GLU A 55 -16.24 15.40 -10.59
CA GLU A 55 -16.12 15.11 -12.01
C GLU A 55 -14.71 15.55 -12.37
N TYR A 56 -13.91 14.62 -12.88
CA TYR A 56 -12.53 14.92 -13.25
C TYR A 56 -12.34 15.08 -14.75
N GLU A 57 -11.60 16.12 -15.12
CA GLU A 57 -11.31 16.39 -16.52
C GLU A 57 -9.80 16.59 -16.64
N ALA A 58 -9.30 16.62 -17.86
CA ALA A 58 -7.87 16.80 -18.06
C ALA A 58 -7.52 17.05 -19.51
N TYR A 59 -6.24 17.33 -19.75
CA TYR A 59 -5.71 17.49 -21.09
C TYR A 59 -5.08 16.09 -21.16
N PRO A 60 -5.84 15.09 -21.64
CA PRO A 60 -5.46 13.68 -21.77
C PRO A 60 -4.04 13.36 -22.20
N GLU A 61 -3.66 13.79 -23.40
CA GLU A 61 -2.31 13.52 -23.90
C GLU A 61 -1.23 14.11 -23.00
N MET A 62 -1.35 15.40 -22.71
CA MET A 62 -0.39 16.09 -21.87
C MET A 62 -0.27 15.44 -20.50
N ALA A 63 -1.41 15.09 -19.92
CA ALA A 63 -1.43 14.48 -18.58
C ALA A 63 -0.75 13.11 -18.54
N ILE A 64 -1.11 12.23 -19.45
CA ILE A 64 -0.52 10.89 -19.43
C ILE A 64 0.98 10.96 -19.70
N LYS A 65 1.42 11.90 -20.54
CA LYS A 65 2.85 12.03 -20.83
C LYS A 65 3.59 12.49 -19.57
N GLU A 66 3.00 13.43 -18.84
CA GLU A 66 3.63 13.94 -17.62
C GLU A 66 3.59 12.84 -16.55
N MET A 67 2.52 12.06 -16.53
CA MET A 67 2.41 10.96 -15.55
C MET A 67 3.55 9.97 -15.79
N GLU A 68 3.77 9.60 -17.04
CA GLU A 68 4.84 8.65 -17.39
C GLU A 68 6.21 9.23 -17.04
N LYS A 69 6.35 10.54 -17.20
CA LYS A 69 7.62 11.21 -16.88
C LYS A 69 7.88 11.11 -15.37
N ILE A 70 6.83 11.33 -14.58
CA ILE A 70 6.96 11.24 -13.13
C ILE A 70 7.30 9.81 -12.71
N ARG A 71 6.67 8.83 -13.36
CA ARG A 71 6.95 7.43 -13.07
C ARG A 71 8.43 7.13 -13.33
N GLN A 72 8.94 7.62 -14.47
CA GLN A 72 10.32 7.42 -14.84
C GLN A 72 11.25 8.02 -13.78
N GLU A 73 10.94 9.25 -13.35
CA GLU A 73 11.72 9.94 -12.33
C GLU A 73 11.72 9.18 -11.01
N THR A 74 10.55 8.69 -10.63
CA THR A 74 10.40 7.96 -9.37
C THR A 74 11.30 6.72 -9.35
N ILE A 75 11.24 5.93 -10.42
CA ILE A 75 12.05 4.73 -10.51
C ILE A 75 13.54 5.08 -10.47
N GLU A 76 13.96 6.03 -11.31
CA GLU A 76 15.38 6.42 -11.35
C GLU A 76 15.87 7.05 -10.06
N LYS A 77 15.08 7.97 -9.51
CA LYS A 77 15.45 8.68 -8.28
C LYS A 77 15.57 7.84 -7.02
N PHE A 78 14.64 6.93 -6.81
CA PHE A 78 14.63 6.12 -5.60
C PHE A 78 15.09 4.67 -5.76
N GLY A 79 15.32 4.25 -6.99
CA GLY A 79 15.77 2.90 -7.23
C GLY A 79 14.77 1.80 -6.92
N VAL A 80 13.48 2.09 -7.06
CA VAL A 80 12.46 1.08 -6.81
C VAL A 80 12.32 0.25 -8.08
N LYS A 81 11.63 -0.88 -7.99
CA LYS A 81 11.46 -1.78 -9.12
C LYS A 81 10.33 -1.41 -10.08
N GLU A 82 9.23 -0.92 -9.54
CA GLU A 82 8.10 -0.57 -10.40
C GLU A 82 7.21 0.47 -9.73
N VAL A 83 6.51 1.25 -10.56
CA VAL A 83 5.61 2.28 -10.08
C VAL A 83 4.39 2.37 -10.99
N PHE A 84 3.21 2.38 -10.37
CA PHE A 84 1.95 2.51 -11.08
C PHE A 84 1.38 3.88 -10.73
N ILE A 85 0.85 4.58 -11.72
CA ILE A 85 0.20 5.87 -11.49
C ILE A 85 -1.06 5.88 -12.34
N HIS A 86 -2.20 5.76 -11.68
CA HIS A 86 -3.50 5.74 -12.36
C HIS A 86 -4.43 6.83 -11.82
N HIS A 87 -5.25 7.38 -12.69
CA HIS A 87 -6.21 8.39 -12.28
C HIS A 87 -7.47 8.28 -13.14
N ARG A 88 -8.63 8.38 -12.49
CA ARG A 88 -9.90 8.30 -13.20
C ARG A 88 -10.30 9.63 -13.78
N LEU A 89 -11.12 9.58 -14.83
CA LEU A 89 -11.67 10.76 -15.47
C LEU A 89 -13.17 10.54 -15.42
N GLY A 90 -13.94 11.63 -15.49
CA GLY A 90 -15.39 11.50 -15.43
C GLY A 90 -15.88 11.51 -14.00
N LEU A 91 -17.10 11.02 -13.78
CA LEU A 91 -17.69 10.99 -12.44
C LEU A 91 -17.08 9.97 -11.49
N VAL A 92 -16.86 10.42 -10.26
CA VAL A 92 -16.31 9.57 -9.21
C VAL A 92 -17.06 9.89 -7.92
N LYS A 93 -17.71 8.88 -7.36
CA LYS A 93 -18.47 9.05 -6.12
C LYS A 93 -17.57 9.29 -4.92
N ILE A 94 -18.12 9.97 -3.92
CA ILE A 94 -17.39 10.22 -2.69
C ILE A 94 -17.10 8.82 -2.12
N GLY A 95 -15.89 8.60 -1.65
CA GLY A 95 -15.56 7.30 -1.10
C GLY A 95 -14.93 6.32 -2.08
N GLU A 96 -14.98 6.63 -3.38
CA GLU A 96 -14.38 5.77 -4.39
C GLU A 96 -13.03 6.36 -4.80
N PRO A 97 -11.98 5.53 -4.86
CA PRO A 97 -10.66 6.04 -5.25
C PRO A 97 -10.65 6.60 -6.66
N SER A 98 -10.05 7.78 -6.82
CA SER A 98 -9.96 8.41 -8.13
C SER A 98 -8.49 8.51 -8.56
N PHE A 99 -7.59 8.30 -7.59
CA PHE A 99 -6.16 8.38 -7.83
C PHE A 99 -5.43 7.23 -7.16
N LEU A 100 -4.54 6.58 -7.88
CA LEU A 100 -3.80 5.45 -7.34
C LEU A 100 -2.32 5.46 -7.69
N VAL A 101 -1.49 5.22 -6.68
CA VAL A 101 -0.05 5.16 -6.87
C VAL A 101 0.48 3.97 -6.08
N LEU A 102 1.15 3.06 -6.79
CA LEU A 102 1.72 1.89 -6.15
C LEU A 102 3.22 1.83 -6.45
N ALA A 103 4.03 1.78 -5.40
CA ALA A 103 5.47 1.67 -5.57
C ALA A 103 5.89 0.29 -5.06
N VAL A 104 6.81 -0.34 -5.78
CA VAL A 104 7.29 -1.67 -5.41
C VAL A 104 8.81 -1.57 -5.34
N GLY A 105 9.38 -1.97 -4.19
CA GLY A 105 10.83 -1.89 -4.05
C GLY A 105 11.46 -2.88 -3.09
N GLY A 106 12.78 -2.83 -3.03
CA GLY A 106 13.51 -3.72 -2.14
C GLY A 106 13.17 -3.56 -0.67
N HIS A 107 13.27 -2.33 -0.17
CA HIS A 107 12.97 -2.06 1.23
C HIS A 107 11.94 -0.95 1.38
N ARG A 108 11.38 -0.84 2.58
CA ARG A 108 10.33 0.15 2.83
C ARG A 108 10.78 1.61 2.78
N GLU A 109 12.01 1.87 3.19
CA GLU A 109 12.53 3.24 3.22
C GLU A 109 12.36 3.95 1.88
N GLU A 110 12.94 3.39 0.82
CA GLU A 110 12.85 4.00 -0.50
C GLU A 110 11.48 3.81 -1.16
N THR A 111 10.77 2.75 -0.79
CA THR A 111 9.46 2.50 -1.37
C THR A 111 8.44 3.53 -0.88
N PHE A 112 8.52 3.88 0.41
CA PHE A 112 7.62 4.90 0.94
C PHE A 112 7.93 6.24 0.27
N LYS A 113 9.21 6.57 0.17
CA LYS A 113 9.64 7.82 -0.46
C LYS A 113 9.18 7.89 -1.91
N ALA A 114 9.34 6.78 -2.62
CA ALA A 114 8.94 6.72 -4.02
C ALA A 114 7.46 7.03 -4.19
N CYS A 115 6.62 6.35 -3.41
CA CYS A 115 5.18 6.55 -3.48
C CYS A 115 4.83 8.02 -3.20
N ARG A 116 5.34 8.56 -2.11
CA ARG A 116 5.06 9.94 -1.75
C ARG A 116 5.51 10.92 -2.84
N TYR A 117 6.66 10.65 -3.44
CA TYR A 117 7.18 11.52 -4.50
C TYR A 117 6.23 11.51 -5.70
N ALA A 118 5.87 10.31 -6.16
CA ALA A 118 4.97 10.19 -7.31
C ALA A 118 3.64 10.90 -7.05
N VAL A 119 3.11 10.73 -5.85
CA VAL A 119 1.86 11.36 -5.47
C VAL A 119 1.98 12.89 -5.47
N ASP A 120 3.00 13.41 -4.79
CA ASP A 120 3.20 14.86 -4.72
C ASP A 120 3.46 15.51 -6.06
N GLU A 121 4.36 14.90 -6.84
CA GLU A 121 4.70 15.45 -8.15
C GLU A 121 3.50 15.44 -9.10
N THR A 122 2.71 14.37 -9.05
CA THR A 122 1.54 14.28 -9.91
C THR A 122 0.59 15.44 -9.61
N LYS A 123 0.36 15.70 -8.33
CA LYS A 123 -0.53 16.78 -7.94
C LYS A 123 -0.01 18.16 -8.36
N LYS A 124 1.30 18.34 -8.33
CA LYS A 124 1.90 19.61 -8.71
C LYS A 124 2.04 19.84 -10.21
N ARG A 125 2.24 18.76 -10.98
CA ARG A 125 2.50 18.89 -12.41
C ARG A 125 1.52 18.34 -13.45
N VAL A 126 0.67 17.40 -13.08
CA VAL A 126 -0.24 16.80 -14.05
C VAL A 126 -1.55 17.55 -14.24
N PRO A 127 -1.87 17.93 -15.48
CA PRO A 127 -3.10 18.66 -15.77
C PRO A 127 -4.40 17.87 -15.70
N ILE A 128 -4.87 17.68 -14.47
CA ILE A 128 -6.12 16.99 -14.18
C ILE A 128 -6.80 17.86 -13.13
N TRP A 129 -8.05 18.23 -13.35
CA TRP A 129 -8.75 19.07 -12.40
C TRP A 129 -10.15 18.56 -12.13
N LYS A 130 -10.67 18.88 -10.95
CA LYS A 130 -11.98 18.42 -10.54
C LYS A 130 -13.05 19.49 -10.59
N LYS A 131 -14.30 19.03 -10.48
CA LYS A 131 -15.49 19.86 -10.46
C LYS A 131 -16.41 19.15 -9.48
N GLU A 132 -17.01 19.90 -8.55
CA GLU A 132 -17.90 19.29 -7.56
C GLU A 132 -19.31 19.09 -8.08
N ILE A 133 -19.91 17.97 -7.69
CA ILE A 133 -21.28 17.64 -8.08
C ILE A 133 -22.05 17.60 -6.76
N PHE A 134 -23.02 18.49 -6.62
CA PHE A 134 -23.79 18.60 -5.40
C PHE A 134 -25.07 17.76 -5.26
N LYS A 135 -25.64 17.81 -4.06
CA LYS A 135 -26.85 17.08 -3.70
C LYS A 135 -26.53 15.64 -3.33
N MET B 1 -13.95 -15.40 5.70
CA MET B 1 -13.80 -15.56 7.13
C MET B 1 -14.21 -14.34 7.94
N GLU B 2 -13.41 -14.02 8.95
CA GLU B 2 -13.92 -13.40 10.16
C GLU B 2 -14.32 -11.94 9.93
N VAL B 3 -15.25 -11.70 9.01
CA VAL B 3 -15.99 -10.46 9.03
C VAL B 3 -17.24 -10.43 9.93
N GLY B 4 -18.17 -9.55 9.60
CA GLY B 4 -18.89 -8.78 10.59
C GLY B 4 -18.27 -7.42 10.75
N MET B 5 -17.13 -7.37 11.43
CA MET B 5 -16.07 -6.46 11.09
C MET B 5 -14.79 -7.29 10.96
N ILE B 6 -13.95 -6.94 10.00
CA ILE B 6 -12.57 -7.40 9.98
C ILE B 6 -11.82 -6.87 11.19
N PRO B 7 -11.16 -7.74 11.94
CA PRO B 7 -10.42 -7.21 13.09
C PRO B 7 -9.34 -6.25 12.59
N ARG B 8 -9.23 -5.11 13.25
CA ARG B 8 -8.22 -4.12 12.85
C ARG B 8 -6.82 -4.61 13.14
N VAL B 9 -6.68 -5.43 14.17
CA VAL B 9 -5.37 -6.01 14.52
C VAL B 9 -5.54 -7.51 14.38
N TYR B 10 -4.68 -8.15 13.60
CA TYR B 10 -4.78 -9.58 13.40
C TYR B 10 -3.43 -10.26 13.31
N LEU B 11 -3.31 -11.42 13.95
CA LEU B 11 -2.07 -12.19 13.95
C LEU B 11 -2.44 -13.65 13.93
N GLY B 12 -2.10 -14.35 12.84
CA GLY B 12 -2.43 -15.75 12.74
C GLY B 12 -1.93 -16.41 11.47
N HIS B 13 -2.24 -17.69 11.33
CA HIS B 13 -1.82 -18.46 10.16
C HIS B 13 -2.71 -18.24 8.94
N GLU B 14 -3.87 -17.64 9.15
CA GLU B 14 -4.78 -17.35 8.04
C GLU B 14 -4.47 -15.95 7.56
N TRP B 15 -5.27 -15.41 6.66
CA TRP B 15 -4.98 -14.07 6.14
C TRP B 15 -6.19 -13.43 5.48
N PHE B 16 -6.48 -12.19 5.86
CA PHE B 16 -7.59 -11.46 5.25
C PHE B 16 -7.06 -10.95 3.91
N GLY B 17 -5.95 -10.24 3.95
CA GLY B 17 -5.34 -9.72 2.73
C GLY B 17 -5.79 -8.32 2.35
N ALA B 18 -4.93 -7.62 1.63
CA ALA B 18 -5.22 -6.25 1.20
C ALA B 18 -6.44 -6.16 0.30
N GLU B 19 -6.60 -7.12 -0.60
CA GLU B 19 -7.74 -7.09 -1.52
C GLU B 19 -9.07 -7.12 -0.77
N ARG B 20 -9.20 -8.07 0.14
CA ARG B 20 -10.42 -8.20 0.92
C ARG B 20 -10.66 -6.97 1.81
N ILE B 21 -9.61 -6.50 2.48
CA ILE B 21 -9.74 -5.33 3.35
C ILE B 21 -10.16 -4.08 2.57
N LEU B 22 -9.47 -3.80 1.46
CA LEU B 22 -9.81 -2.64 0.64
C LEU B 22 -11.21 -2.78 0.04
N SER B 23 -11.57 -4.00 -0.31
CA SER B 23 -12.87 -4.30 -0.90
C SER B 23 -14.01 -4.08 0.08
N GLU B 24 -13.87 -4.62 1.30
CA GLU B 24 -14.92 -4.52 2.31
C GLU B 24 -14.98 -3.21 3.10
N TYR B 25 -13.83 -2.64 3.42
CA TYR B 25 -13.79 -1.40 4.20
C TYR B 25 -14.45 -0.20 3.51
N GLN B 26 -15.33 0.47 4.24
CA GLN B 26 -16.01 1.65 3.70
C GLN B 26 -15.27 2.90 4.16
N VAL B 27 -14.78 3.68 3.20
CA VAL B 27 -14.05 4.90 3.53
C VAL B 27 -15.04 5.96 4.04
N PRO B 28 -14.74 6.57 5.19
CA PRO B 28 -15.63 7.59 5.76
C PRO B 28 -15.63 8.86 4.90
N GLU B 29 -16.75 9.58 4.90
CA GLU B 29 -16.90 10.80 4.11
C GLU B 29 -15.84 11.87 4.33
N ASP B 30 -15.26 11.90 5.53
CA ASP B 30 -14.24 12.90 5.85
C ASP B 30 -12.81 12.42 5.59
N CYS B 31 -12.68 11.25 4.98
CA CYS B 31 -11.35 10.71 4.68
C CYS B 31 -11.09 10.76 3.18
N GLY B 32 -9.93 11.27 2.80
CA GLY B 32 -9.60 11.36 1.39
C GLY B 32 -8.33 10.62 1.02
N ALA B 33 -7.79 9.86 1.97
CA ALA B 33 -6.56 9.14 1.70
C ALA B 33 -6.43 7.81 2.41
N GLN B 34 -5.82 6.86 1.72
CA GLN B 34 -5.55 5.55 2.26
C GLN B 34 -4.11 5.26 1.85
N VAL B 35 -3.30 4.82 2.81
CA VAL B 35 -1.91 4.47 2.52
C VAL B 35 -1.73 3.06 3.05
N LEU B 36 -1.40 2.15 2.16
CA LEU B 36 -1.22 0.74 2.50
C LEU B 36 0.21 0.29 2.33
N PHE B 37 0.74 -0.41 3.33
CA PHE B 37 2.08 -0.96 3.23
C PHE B 37 1.96 -2.47 3.31
N LEU B 38 2.68 -3.16 2.44
CA LEU B 38 2.70 -4.61 2.45
C LEU B 38 4.17 -5.03 2.57
N GLY B 39 4.48 -5.79 3.62
CA GLY B 39 5.83 -6.29 3.83
C GLY B 39 5.85 -7.67 3.24
N ILE B 40 6.82 -7.95 2.39
CA ILE B 40 6.89 -9.24 1.70
C ILE B 40 8.25 -9.94 1.81
N PRO B 41 8.24 -11.25 2.13
CA PRO B 41 9.51 -11.98 2.24
C PRO B 41 10.23 -11.85 0.90
N ARG B 42 11.51 -11.51 0.94
CA ARG B 42 12.29 -11.35 -0.28
C ARG B 42 13.51 -12.25 -0.28
N ASN B 43 13.97 -12.61 -1.48
CA ASN B 43 15.16 -13.43 -1.56
C ASN B 43 16.34 -12.52 -1.26
N ALA B 44 17.14 -12.88 -0.27
CA ALA B 44 18.29 -12.07 0.12
C ALA B 44 19.59 -12.86 0.02
N PRO B 45 20.15 -12.97 -1.20
CA PRO B 45 21.40 -13.71 -1.42
C PRO B 45 22.54 -13.20 -0.53
N GLU B 46 22.45 -11.93 -0.12
CA GLU B 46 23.47 -11.34 0.75
C GLU B 46 23.44 -11.97 2.14
N ASP B 47 22.44 -12.83 2.38
CA ASP B 47 22.32 -13.48 3.69
C ASP B 47 22.84 -14.92 3.70
N GLY B 48 23.51 -15.33 2.62
CA GLY B 48 24.06 -16.68 2.58
C GLY B 48 23.61 -17.61 1.47
N GLY B 49 22.54 -17.24 0.77
CA GLY B 49 22.04 -18.09 -0.31
C GLY B 49 20.60 -17.78 -0.67
N ASN B 50 20.01 -18.57 -1.56
CA ASN B 50 18.63 -18.35 -1.97
C ASN B 50 17.64 -18.81 -0.91
N ILE B 51 16.66 -17.96 -0.63
CA ILE B 51 15.65 -18.21 0.37
C ILE B 51 14.34 -18.72 -0.24
N GLU B 52 13.75 -19.73 0.40
CA GLU B 52 12.50 -20.32 -0.06
C GLU B 52 11.30 -19.68 0.63
N ALA B 53 11.48 -19.34 1.89
CA ALA B 53 10.39 -18.72 2.65
C ALA B 53 10.90 -18.12 3.95
N LEU B 54 10.03 -17.35 4.60
CA LEU B 54 10.34 -16.75 5.88
C LEU B 54 9.38 -17.35 6.89
N GLU B 55 9.89 -17.71 8.06
CA GLU B 55 9.03 -18.28 9.10
C GLU B 55 8.83 -17.24 10.19
N TYR B 56 7.61 -17.13 10.69
CA TYR B 56 7.29 -16.17 11.73
C TYR B 56 6.61 -16.91 12.89
N GLU B 57 7.08 -16.69 14.10
CA GLU B 57 6.49 -17.35 15.27
C GLU B 57 6.42 -16.37 16.43
N ALA B 58 5.50 -16.64 17.36
CA ALA B 58 5.35 -15.77 18.51
C ALA B 58 4.32 -16.31 19.48
N TYR B 59 4.23 -15.64 20.63
CA TYR B 59 3.24 -15.94 21.65
C TYR B 59 2.24 -14.87 21.24
N PRO B 60 1.17 -15.26 20.52
CA PRO B 60 0.14 -14.33 20.04
C PRO B 60 -0.38 -13.25 20.98
N GLU B 61 -0.85 -13.64 22.16
CA GLU B 61 -1.41 -12.66 23.10
C GLU B 61 -0.50 -11.46 23.35
N MET B 62 0.77 -11.72 23.66
CA MET B 62 1.72 -10.63 23.91
C MET B 62 1.92 -9.78 22.67
N ALA B 63 2.14 -10.43 21.53
CA ALA B 63 2.35 -9.71 20.27
C ALA B 63 1.13 -8.87 19.91
N ILE B 64 -0.05 -9.49 19.99
CA ILE B 64 -1.30 -8.81 19.67
C ILE B 64 -1.48 -7.54 20.51
N LYS B 65 -1.19 -7.63 21.81
CA LYS B 65 -1.34 -6.48 22.69
C LYS B 65 -0.46 -5.29 22.31
N GLU B 66 0.78 -5.56 21.91
CA GLU B 66 1.69 -4.49 21.52
C GLU B 66 1.22 -3.90 20.19
N MET B 67 0.69 -4.75 19.32
CA MET B 67 0.19 -4.31 18.02
C MET B 67 -0.99 -3.35 18.25
N GLU B 68 -1.88 -3.73 19.17
CA GLU B 68 -3.05 -2.89 19.48
C GLU B 68 -2.61 -1.55 20.07
N LYS B 69 -1.57 -1.60 20.90
CA LYS B 69 -1.03 -0.39 21.54
C LYS B 69 -0.50 0.55 20.47
N ILE B 70 0.25 0.00 19.52
CA ILE B 70 0.81 0.78 18.44
C ILE B 70 -0.30 1.40 17.58
N ARG B 71 -1.36 0.62 17.33
CA ARG B 71 -2.48 1.12 16.54
C ARG B 71 -3.11 2.34 17.22
N GLN B 72 -3.37 2.24 18.52
CA GLN B 72 -3.96 3.34 19.26
C GLN B 72 -3.05 4.56 19.20
N GLU B 73 -1.75 4.33 19.35
CA GLU B 73 -0.76 5.40 19.29
C GLU B 73 -0.79 6.12 17.94
N THR B 74 -0.88 5.33 16.86
CA THR B 74 -0.91 5.89 15.51
C THR B 74 -2.10 6.80 15.32
N ILE B 75 -3.27 6.32 15.71
CA ILE B 75 -4.50 7.09 15.57
C ILE B 75 -4.43 8.39 16.37
N GLU B 76 -3.99 8.28 17.62
CA GLU B 76 -3.88 9.43 18.50
C GLU B 76 -2.85 10.47 18.05
N LYS B 77 -1.64 10.01 17.77
CA LYS B 77 -0.57 10.91 17.36
C LYS B 77 -0.75 11.60 16.00
N PHE B 78 -1.39 10.91 15.05
CA PHE B 78 -1.55 11.49 13.72
C PHE B 78 -2.95 11.96 13.35
N GLY B 79 -3.93 11.65 14.18
CA GLY B 79 -5.28 12.07 13.91
C GLY B 79 -5.94 11.43 12.70
N VAL B 80 -5.53 10.20 12.38
CA VAL B 80 -6.12 9.48 11.26
C VAL B 80 -7.38 8.80 11.80
N LYS B 81 -8.27 8.38 10.91
CA LYS B 81 -9.51 7.75 11.33
C LYS B 81 -9.45 6.26 11.66
N GLU B 82 -8.66 5.50 10.91
CA GLU B 82 -8.57 4.07 11.16
C GLU B 82 -7.21 3.52 10.76
N VAL B 83 -6.78 2.46 11.44
CA VAL B 83 -5.50 1.82 11.18
C VAL B 83 -5.61 0.32 11.38
N PHE B 84 -5.14 -0.42 10.38
CA PHE B 84 -5.13 -1.89 10.42
C PHE B 84 -3.67 -2.32 10.54
N ILE B 85 -3.41 -3.33 11.38
CA ILE B 85 -2.08 -3.87 11.53
C ILE B 85 -2.23 -5.39 11.57
N HIS B 86 -1.85 -6.05 10.48
CA HIS B 86 -1.97 -7.50 10.37
C HIS B 86 -0.63 -8.15 10.06
N HIS B 87 -0.43 -9.36 10.56
CA HIS B 87 0.80 -10.09 10.30
C HIS B 87 0.53 -11.59 10.32
N ARG B 88 1.17 -12.34 9.42
CA ARG B 88 0.99 -13.78 9.35
C ARG B 88 1.96 -14.49 10.28
N LEU B 89 1.61 -15.70 10.67
CA LEU B 89 2.47 -16.53 11.50
C LEU B 89 2.68 -17.79 10.67
N GLY B 90 3.77 -18.51 10.94
CA GLY B 90 4.03 -19.72 10.18
C GLY B 90 4.94 -19.43 8.99
N LEU B 91 4.94 -20.34 8.02
CA LEU B 91 5.78 -20.19 6.83
C LEU B 91 5.11 -19.34 5.76
N VAL B 92 5.84 -18.35 5.25
CA VAL B 92 5.33 -17.49 4.19
C VAL B 92 6.34 -17.50 3.04
N LYS B 93 5.91 -18.01 1.90
CA LYS B 93 6.77 -18.09 0.72
C LYS B 93 7.16 -16.73 0.17
N ILE B 94 8.33 -16.68 -0.46
CA ILE B 94 8.84 -15.46 -1.06
C ILE B 94 7.75 -14.92 -1.99
N GLY B 95 7.53 -13.61 -1.95
CA GLY B 95 6.53 -13.01 -2.82
C GLY B 95 5.14 -12.84 -2.23
N GLU B 96 4.84 -13.57 -1.17
CA GLU B 96 3.53 -13.49 -0.51
C GLU B 96 3.62 -12.56 0.70
N PRO B 97 2.74 -11.55 0.77
CA PRO B 97 2.76 -10.61 1.89
C PRO B 97 2.60 -11.29 3.24
N SER B 98 3.40 -10.87 4.22
CA SER B 98 3.35 -11.41 5.57
C SER B 98 3.01 -10.31 6.58
N PHE B 99 3.08 -9.06 6.13
CA PHE B 99 2.83 -7.94 7.02
C PHE B 99 2.00 -6.88 6.28
N LEU B 100 0.94 -6.39 6.93
CA LEU B 100 0.06 -5.40 6.33
C LEU B 100 -0.33 -4.28 7.28
N VAL B 101 -0.21 -3.05 6.81
CA VAL B 101 -0.60 -1.89 7.59
C VAL B 101 -1.37 -0.95 6.69
N LEU B 102 -2.58 -0.60 7.10
CA LEU B 102 -3.42 0.32 6.33
C LEU B 102 -3.87 1.48 7.20
N ALA B 103 -3.57 2.70 6.76
CA ALA B 103 -3.97 3.89 7.50
C ALA B 103 -4.99 4.62 6.64
N VAL B 104 -6.04 5.13 7.28
CA VAL B 104 -7.10 5.86 6.59
C VAL B 104 -7.24 7.22 7.27
N GLY B 105 -7.11 8.29 6.50
CA GLY B 105 -7.22 9.62 7.09
C GLY B 105 -7.76 10.69 6.17
N GLY B 106 -7.80 11.92 6.68
CA GLY B 106 -8.29 13.04 5.90
C GLY B 106 -7.44 13.42 4.70
N HIS B 107 -6.14 13.61 4.92
CA HIS B 107 -5.24 13.99 3.85
C HIS B 107 -3.97 13.13 3.74
N ARG B 108 -3.26 13.30 2.62
CA ARG B 108 -2.02 12.58 2.33
C ARG B 108 -1.02 12.63 3.50
N GLU B 109 -0.64 13.85 3.86
CA GLU B 109 0.34 14.11 4.91
C GLU B 109 0.30 13.20 6.14
N GLU B 110 -0.76 13.32 6.93
CA GLU B 110 -0.87 12.53 8.14
C GLU B 110 -1.08 11.04 7.88
N THR B 111 -1.72 10.69 6.77
CA THR B 111 -1.98 9.28 6.47
C THR B 111 -0.67 8.55 6.14
N PHE B 112 0.20 9.20 5.38
CA PHE B 112 1.50 8.59 5.04
C PHE B 112 2.32 8.43 6.32
N LYS B 113 2.37 9.48 7.14
CA LYS B 113 3.13 9.45 8.39
C LYS B 113 2.61 8.37 9.32
N ALA B 114 1.29 8.25 9.39
CA ALA B 114 0.68 7.25 10.26
C ALA B 114 1.08 5.85 9.84
N CYS B 115 0.96 5.54 8.55
CA CYS B 115 1.32 4.22 8.05
C CYS B 115 2.78 3.91 8.36
N ARG B 116 3.67 4.86 8.06
CA ARG B 116 5.09 4.65 8.30
C ARG B 116 5.36 4.40 9.79
N TYR B 117 4.68 5.15 10.65
CA TYR B 117 4.83 5.02 12.09
C TYR B 117 4.43 3.61 12.57
N ALA B 118 3.24 3.18 12.18
CA ALA B 118 2.74 1.87 12.57
C ALA B 118 3.68 0.77 12.11
N VAL B 119 4.21 0.91 10.90
CA VAL B 119 5.13 -0.08 10.34
C VAL B 119 6.46 -0.09 11.12
N ASP B 120 7.08 1.07 11.26
CA ASP B 120 8.35 1.15 11.97
C ASP B 120 8.25 0.70 13.42
N GLU B 121 7.23 1.17 14.13
CA GLU B 121 7.04 0.81 15.52
C GLU B 121 6.75 -0.68 15.71
N THR B 122 6.06 -1.28 14.75
CA THR B 122 5.75 -2.70 14.85
C THR B 122 7.03 -3.53 14.71
N LYS B 123 7.87 -3.17 13.76
CA LYS B 123 9.12 -3.90 13.54
C LYS B 123 10.08 -3.74 14.73
N LYS B 124 10.00 -2.61 15.42
CA LYS B 124 10.87 -2.36 16.56
C LYS B 124 10.38 -2.98 17.87
N ARG B 125 9.08 -2.94 18.11
CA ARG B 125 8.50 -3.42 19.35
C ARG B 125 7.72 -4.74 19.44
N VAL B 126 7.13 -5.20 18.34
CA VAL B 126 6.34 -6.42 18.39
C VAL B 126 7.19 -7.70 18.33
N PRO B 127 7.08 -8.55 19.36
CA PRO B 127 7.84 -9.80 19.44
C PRO B 127 7.43 -10.96 18.53
N ILE B 128 7.65 -10.77 17.23
CA ILE B 128 7.36 -11.80 16.24
C ILE B 128 8.75 -12.20 15.74
N TRP B 129 9.15 -13.45 15.98
CA TRP B 129 10.47 -13.92 15.58
C TRP B 129 10.50 -14.48 14.17
N LYS B 130 11.45 -13.99 13.37
CA LYS B 130 11.57 -14.44 11.99
C LYS B 130 12.82 -15.27 11.71
N LYS B 131 12.66 -16.23 10.80
CA LYS B 131 13.77 -17.09 10.41
C LYS B 131 13.70 -17.31 8.90
N GLU B 132 14.84 -17.14 8.24
CA GLU B 132 14.90 -17.34 6.80
C GLU B 132 15.03 -18.83 6.54
N ILE B 133 14.17 -19.36 5.67
CA ILE B 133 14.21 -20.77 5.31
C ILE B 133 14.87 -20.85 3.94
N PHE B 134 16.13 -21.26 3.93
CA PHE B 134 16.92 -21.35 2.70
C PHE B 134 16.59 -22.54 1.81
N LYS B 135 16.80 -22.38 0.50
CA LYS B 135 16.58 -23.45 -0.45
C LYS B 135 17.80 -24.37 -0.35
N GLU B 136 17.63 -25.61 -0.80
CA GLU B 136 18.72 -26.58 -0.75
C GLU B 136 19.88 -26.10 -1.62
N GLY B 137 21.10 -26.37 -1.16
CA GLY B 137 22.28 -25.95 -1.90
C GLY B 137 22.90 -24.68 -1.35
N LYS B 138 22.51 -24.30 -0.13
CA LYS B 138 23.03 -23.09 0.50
C LYS B 138 24.55 -23.15 0.67
N GLY B 139 25.06 -24.35 0.94
CA GLY B 139 26.49 -24.52 1.12
C GLY B 139 27.31 -24.24 -0.12
N GLU B 140 26.65 -24.01 -1.24
CA GLU B 140 27.34 -23.73 -2.50
C GLU B 140 27.72 -22.26 -2.67
N TRP B 141 27.10 -21.37 -1.89
CA TRP B 141 27.37 -19.94 -2.00
C TRP B 141 28.70 -19.47 -1.40
N VAL B 142 29.09 -20.07 -0.29
CA VAL B 142 30.35 -19.71 0.37
C VAL B 142 31.17 -20.99 0.45
N LEU B 143 32.23 -21.07 -0.36
CA LEU B 143 33.05 -22.27 -0.41
C LEU B 143 34.49 -22.14 0.10
N GLY B 144 34.84 -23.02 1.02
CA GLY B 144 36.19 -23.03 1.58
C GLY B 144 36.73 -24.44 1.44
N GLU B 145 37.67 -24.83 2.30
CA GLU B 145 38.24 -26.17 2.22
C GLU B 145 38.22 -26.84 3.59
NA NA C . -9.05 1.26 -6.16
CL CL D . -3.94 17.00 -24.29
C TRS E . -8.63 15.62 -3.87
C1 TRS E . -8.18 14.83 -2.63
C2 TRS E . -7.53 16.63 -4.25
C3 TRS E . -8.87 14.69 -5.04
N TRS E . -9.88 16.34 -3.61
O1 TRS E . -9.24 14.06 -2.08
O2 TRS E . -7.51 17.70 -3.34
O3 TRS E . -9.42 15.41 -6.09
C FMT F . 12.64 -3.09 4.92
O1 FMT F . 13.10 -3.79 6.04
O2 FMT F . 11.49 -3.19 4.51
NA NA G . -2.19 -9.05 0.96
C1 GOL H . -8.69 -11.55 15.95
O1 GOL H . -9.79 -10.91 16.54
C2 GOL H . -7.38 -10.77 16.18
O2 GOL H . -7.59 -9.66 17.01
C3 GOL H . -6.37 -11.74 16.78
O3 GOL H . -5.39 -12.10 15.84
C1 GOL I . 8.09 -7.80 10.14
O1 GOL I . 7.88 -8.64 9.04
C2 GOL I . 9.16 -8.37 11.06
O2 GOL I . 9.70 -7.35 11.86
C3 GOL I . 8.52 -9.46 11.92
O3 GOL I . 9.50 -10.21 12.59
C FMT J . -4.37 15.65 0.52
O1 FMT J . -4.69 14.34 0.15
O2 FMT J . -5.17 16.58 0.43
#